data_1FOZ
# 
_entry.id   1FOZ 
# 
_audit_conform.dict_name       mmcif_pdbx.dic 
_audit_conform.dict_version    5.398 
_audit_conform.dict_location   http://mmcif.pdb.org/dictionaries/ascii/mmcif_pdbx.dic 
# 
loop_
_database_2.database_id 
_database_2.database_code 
_database_2.pdbx_database_accession 
_database_2.pdbx_DOI 
PDB   1FOZ         pdb_00001foz 10.2210/pdb1foz/pdb 
RCSB  RCSB011782   ?            ?                   
WWPDB D_1000011782 ?            ?                   
# 
loop_
_pdbx_audit_revision_history.ordinal 
_pdbx_audit_revision_history.data_content_type 
_pdbx_audit_revision_history.major_revision 
_pdbx_audit_revision_history.minor_revision 
_pdbx_audit_revision_history.revision_date 
1 'Structure model' 1 0 2000-11-22 
2 'Structure model' 1 1 2008-04-27 
3 'Structure model' 1 2 2011-07-13 
4 'Structure model' 1 3 2024-11-13 
# 
_pdbx_audit_revision_details.ordinal             1 
_pdbx_audit_revision_details.revision_ordinal    1 
_pdbx_audit_revision_details.data_content_type   'Structure model' 
_pdbx_audit_revision_details.provider            repository 
_pdbx_audit_revision_details.type                'Initial release' 
_pdbx_audit_revision_details.description         ? 
_pdbx_audit_revision_details.details             ? 
# 
loop_
_pdbx_audit_revision_group.ordinal 
_pdbx_audit_revision_group.revision_ordinal 
_pdbx_audit_revision_group.data_content_type 
_pdbx_audit_revision_group.group 
1  2 'Structure model' 'Version format compliance' 
2  3 'Structure model' 'Atomic model'              
3  3 'Structure model' 'Database references'       
4  3 'Structure model' 'Derived calculations'      
5  3 'Structure model' 'Non-polymer description'   
6  3 'Structure model' 'Structure summary'         
7  3 'Structure model' 'Version format compliance' 
8  4 'Structure model' 'Data collection'           
9  4 'Structure model' 'Database references'       
10 4 'Structure model' 'Derived calculations'      
11 4 'Structure model' 'Structure summary'         
# 
loop_
_pdbx_audit_revision_category.ordinal 
_pdbx_audit_revision_category.revision_ordinal 
_pdbx_audit_revision_category.data_content_type 
_pdbx_audit_revision_category.category 
1 4 'Structure model' chem_comp_atom            
2 4 'Structure model' chem_comp_bond            
3 4 'Structure model' database_2                
4 4 'Structure model' pdbx_entry_details        
5 4 'Structure model' pdbx_modification_feature 
6 4 'Structure model' struct_conn               
# 
loop_
_pdbx_audit_revision_item.ordinal 
_pdbx_audit_revision_item.revision_ordinal 
_pdbx_audit_revision_item.data_content_type 
_pdbx_audit_revision_item.item 
1  4 'Structure model' '_database_2.pdbx_DOI'                
2  4 'Structure model' '_database_2.pdbx_database_accession' 
3  4 'Structure model' '_struct_conn.pdbx_dist_value'        
4  4 'Structure model' '_struct_conn.pdbx_leaving_atom_flag' 
5  4 'Structure model' '_struct_conn.ptnr1_auth_comp_id'     
6  4 'Structure model' '_struct_conn.ptnr1_auth_seq_id'      
7  4 'Structure model' '_struct_conn.ptnr1_label_atom_id'    
8  4 'Structure model' '_struct_conn.ptnr1_label_comp_id'    
9  4 'Structure model' '_struct_conn.ptnr1_label_seq_id'     
10 4 'Structure model' '_struct_conn.ptnr2_auth_comp_id'     
11 4 'Structure model' '_struct_conn.ptnr2_auth_seq_id'      
12 4 'Structure model' '_struct_conn.ptnr2_label_atom_id'    
13 4 'Structure model' '_struct_conn.ptnr2_label_comp_id'    
14 4 'Structure model' '_struct_conn.ptnr2_label_seq_id'     
# 
_pdbx_database_status.status_code                     REL 
_pdbx_database_status.entry_id                        1FOZ 
_pdbx_database_status.recvd_initial_deposition_date   2000-08-29 
_pdbx_database_status.deposit_site                    RCSB 
_pdbx_database_status.process_site                    RCSB 
_pdbx_database_status.SG_entry                        . 
_pdbx_database_status.status_code_sf                  ? 
_pdbx_database_status.status_code_mr                  ? 
_pdbx_database_status.status_code_cs                  ? 
_pdbx_database_status.pdb_format_compatible           Y 
_pdbx_database_status.status_code_nmr_data            ? 
_pdbx_database_status.methods_development_category    ? 
# 
loop_
_audit_author.name 
_audit_author.pdbx_ordinal 
'Pellegrini, M.'  1 
'Liehr, S.'       2 
'Fisher, A.L.'    3 
'Cooperman, B.S.' 4 
'Mierke, D.F.'    5 
# 
_citation.id                        primary 
_citation.title                     'Structure-based optimization of peptide inhibitors of mammalian ribonucleotide reductase.' 
_citation.journal_abbrev            Biochemistry 
_citation.journal_volume            39 
_citation.page_first                12210 
_citation.page_last                 12215 
_citation.year                      2000 
_citation.journal_id_ASTM           BICHAW 
_citation.country                   US 
_citation.journal_id_ISSN           0006-2960 
_citation.journal_id_CSD            0033 
_citation.book_publisher            ? 
_citation.pdbx_database_id_PubMed   11015199 
_citation.pdbx_database_id_DOI      10.1021/bi001323a 
# 
loop_
_citation_author.citation_id 
_citation_author.name 
_citation_author.ordinal 
_citation_author.identifier_ORCID 
primary 'Pellegrini, M.'  1 ? 
primary 'Liehr, S.'       2 ? 
primary 'Fisher, A.L.'    3 ? 
primary 'Laub, P.B.'      4 ? 
primary 'Cooperman, B.S.' 5 ? 
primary 'Mierke, D.F.'    6 ? 
# 
_entity.id                         1 
_entity.type                       polymer 
_entity.src_method                 syn 
_entity.pdbx_description           'SYNTHETIC CYCLIC PEPTIDE' 
_entity.formula_weight             940.028 
_entity.pdbx_number_of_molecules   1 
_entity.pdbx_ec                    ? 
_entity.pdbx_mutation              ? 
_entity.pdbx_fragment              ? 
_entity.details                    ? 
# 
_entity_poly.entity_id                      1 
_entity_poly.type                           'polypeptide(L)' 
_entity_poly.nstd_linkage                   no 
_entity_poly.nstd_monomer                   yes 
_entity_poly.pdbx_seq_one_letter_code       '(ACE)FELDKDF' 
_entity_poly.pdbx_seq_one_letter_code_can   XFELDKDF 
_entity_poly.pdbx_strand_id                 A 
_entity_poly.pdbx_target_identifier         ? 
# 
loop_
_entity_poly_seq.entity_id 
_entity_poly_seq.num 
_entity_poly_seq.mon_id 
_entity_poly_seq.hetero 
1 1 ACE n 
1 2 PHE n 
1 3 GLU n 
1 4 LEU n 
1 5 ASP n 
1 6 LYS n 
1 7 ASP n 
1 8 PHE n 
# 
_pdbx_entity_src_syn.entity_id              1 
_pdbx_entity_src_syn.pdbx_src_id            1 
_pdbx_entity_src_syn.pdbx_alt_source_flag   sample 
_pdbx_entity_src_syn.pdbx_beg_seq_num       ? 
_pdbx_entity_src_syn.pdbx_end_seq_num       ? 
_pdbx_entity_src_syn.organism_scientific    ? 
_pdbx_entity_src_syn.organism_common_name   ? 
_pdbx_entity_src_syn.ncbi_taxonomy_id       ? 
_pdbx_entity_src_syn.details                'The peptide was synthesized by solid phase synthesis.' 
# 
loop_
_chem_comp.id 
_chem_comp.type 
_chem_comp.mon_nstd_flag 
_chem_comp.name 
_chem_comp.pdbx_synonyms 
_chem_comp.formula 
_chem_comp.formula_weight 
ACE non-polymer         . 'ACETYL GROUP'  ? 'C2 H4 O'        44.053  
ASP 'L-peptide linking' y 'ASPARTIC ACID' ? 'C4 H7 N O4'     133.103 
GLU 'L-peptide linking' y 'GLUTAMIC ACID' ? 'C5 H9 N O4'     147.129 
LEU 'L-peptide linking' y LEUCINE         ? 'C6 H13 N O2'    131.173 
LYS 'L-peptide linking' y LYSINE          ? 'C6 H15 N2 O2 1' 147.195 
PHE 'L-peptide linking' y PHENYLALANINE   ? 'C9 H11 N O2'    165.189 
# 
loop_
_pdbx_poly_seq_scheme.asym_id 
_pdbx_poly_seq_scheme.entity_id 
_pdbx_poly_seq_scheme.seq_id 
_pdbx_poly_seq_scheme.mon_id 
_pdbx_poly_seq_scheme.ndb_seq_num 
_pdbx_poly_seq_scheme.pdb_seq_num 
_pdbx_poly_seq_scheme.auth_seq_num 
_pdbx_poly_seq_scheme.pdb_mon_id 
_pdbx_poly_seq_scheme.auth_mon_id 
_pdbx_poly_seq_scheme.pdb_strand_id 
_pdbx_poly_seq_scheme.pdb_ins_code 
_pdbx_poly_seq_scheme.hetero 
A 1 1 ACE 1 1 1 ACE ACE A . n 
A 1 2 PHE 2 2 2 PHE PHE A . n 
A 1 3 GLU 3 3 3 GLU GLU A . n 
A 1 4 LEU 4 4 4 LEU LEU A . n 
A 1 5 ASP 5 5 5 ASP ASP A . n 
A 1 6 LYS 6 6 6 LYS LYS A . n 
A 1 7 ASP 7 7 7 ASP ASP A . n 
A 1 8 PHE 8 8 8 PHE PHE A . n 
# 
_cell.entry_id           1FOZ 
_cell.length_a           1.000 
_cell.length_b           1.000 
_cell.length_c           1.000 
_cell.angle_alpha        90.00 
_cell.angle_beta         90.00 
_cell.angle_gamma        90.00 
_cell.Z_PDB              1 
_cell.pdbx_unique_axis   ? 
# 
_symmetry.entry_id                         1FOZ 
_symmetry.space_group_name_H-M             'P 1' 
_symmetry.pdbx_full_space_group_name_H-M   ? 
_symmetry.cell_setting                     ? 
_symmetry.Int_Tables_number                1 
# 
_exptl.entry_id          1FOZ 
_exptl.method            'SOLUTION NMR' 
_exptl.crystals_number   ? 
# 
_struct.entry_id                  1FOZ 
_struct.title                     'STRUCTURE OF CYCLIC PEPTIDE INHIBITORS OF MAMMALIAN RIBONUCLEOTIDE REDUCTASE' 
_struct.pdbx_model_details        ? 
_struct.pdbx_CASP_flag            ? 
_struct.pdbx_model_type_details   ? 
# 
_struct_keywords.entry_id        1FOZ 
_struct_keywords.pdbx_keywords   'OXIDOREDUCTASE INHIBITOR' 
_struct_keywords.text            'transferred NOEs, IRMA refinement, ribonucleotide reductase inhibitors, OXIDOREDUCTASE INHIBITOR' 
# 
_struct_asym.id                            A 
_struct_asym.pdbx_blank_PDB_chainid_flag   N 
_struct_asym.pdbx_modified                 N 
_struct_asym.entity_id                     1 
_struct_asym.details                       ? 
# 
_struct_ref.id                         1 
_struct_ref.db_name                    PDB 
_struct_ref.db_code                    1FOZ 
_struct_ref.pdbx_db_accession          1FOZ 
_struct_ref.entity_id                  1 
_struct_ref.pdbx_align_begin           ? 
_struct_ref.pdbx_seq_one_letter_code   ? 
_struct_ref.pdbx_db_isoform            ? 
# 
_struct_ref_seq.align_id                      1 
_struct_ref_seq.ref_id                        1 
_struct_ref_seq.pdbx_PDB_id_code              1FOZ 
_struct_ref_seq.pdbx_strand_id                A 
_struct_ref_seq.seq_align_beg                 1 
_struct_ref_seq.pdbx_seq_align_beg_ins_code   ? 
_struct_ref_seq.seq_align_end                 8 
_struct_ref_seq.pdbx_seq_align_end_ins_code   ? 
_struct_ref_seq.pdbx_db_accession             1FOZ 
_struct_ref_seq.db_align_beg                  1 
_struct_ref_seq.pdbx_db_align_beg_ins_code    ? 
_struct_ref_seq.db_align_end                  8 
_struct_ref_seq.pdbx_db_align_end_ins_code    ? 
_struct_ref_seq.pdbx_auth_seq_align_beg       1 
_struct_ref_seq.pdbx_auth_seq_align_end       8 
# 
_pdbx_struct_assembly.id                   1 
_pdbx_struct_assembly.details              author_defined_assembly 
_pdbx_struct_assembly.method_details       ? 
_pdbx_struct_assembly.oligomeric_details   monomeric 
_pdbx_struct_assembly.oligomeric_count     1 
# 
_pdbx_struct_assembly_gen.assembly_id       1 
_pdbx_struct_assembly_gen.oper_expression   1 
_pdbx_struct_assembly_gen.asym_id_list      A 
# 
_pdbx_struct_oper_list.id                   1 
_pdbx_struct_oper_list.type                 'identity operation' 
_pdbx_struct_oper_list.name                 1_555 
_pdbx_struct_oper_list.symmetry_operation   x,y,z 
_pdbx_struct_oper_list.matrix[1][1]         1.0000000000 
_pdbx_struct_oper_list.matrix[1][2]         0.0000000000 
_pdbx_struct_oper_list.matrix[1][3]         0.0000000000 
_pdbx_struct_oper_list.vector[1]            0.0000000000 
_pdbx_struct_oper_list.matrix[2][1]         0.0000000000 
_pdbx_struct_oper_list.matrix[2][2]         1.0000000000 
_pdbx_struct_oper_list.matrix[2][3]         0.0000000000 
_pdbx_struct_oper_list.vector[2]            0.0000000000 
_pdbx_struct_oper_list.matrix[3][1]         0.0000000000 
_pdbx_struct_oper_list.matrix[3][2]         0.0000000000 
_pdbx_struct_oper_list.matrix[3][3]         1.0000000000 
_pdbx_struct_oper_list.vector[3]            0.0000000000 
# 
_struct_biol.id        1 
_struct_biol.details   ? 
# 
loop_
_struct_conn.id 
_struct_conn.conn_type_id 
_struct_conn.pdbx_leaving_atom_flag 
_struct_conn.pdbx_PDB_id 
_struct_conn.ptnr1_label_asym_id 
_struct_conn.ptnr1_label_comp_id 
_struct_conn.ptnr1_label_seq_id 
_struct_conn.ptnr1_label_atom_id 
_struct_conn.pdbx_ptnr1_label_alt_id 
_struct_conn.pdbx_ptnr1_PDB_ins_code 
_struct_conn.pdbx_ptnr1_standard_comp_id 
_struct_conn.ptnr1_symmetry 
_struct_conn.ptnr2_label_asym_id 
_struct_conn.ptnr2_label_comp_id 
_struct_conn.ptnr2_label_seq_id 
_struct_conn.ptnr2_label_atom_id 
_struct_conn.pdbx_ptnr2_label_alt_id 
_struct_conn.pdbx_ptnr2_PDB_ins_code 
_struct_conn.ptnr1_auth_asym_id 
_struct_conn.ptnr1_auth_comp_id 
_struct_conn.ptnr1_auth_seq_id 
_struct_conn.ptnr2_auth_asym_id 
_struct_conn.ptnr2_auth_comp_id 
_struct_conn.ptnr2_auth_seq_id 
_struct_conn.ptnr2_symmetry 
_struct_conn.pdbx_ptnr3_label_atom_id 
_struct_conn.pdbx_ptnr3_label_seq_id 
_struct_conn.pdbx_ptnr3_label_comp_id 
_struct_conn.pdbx_ptnr3_label_asym_id 
_struct_conn.pdbx_ptnr3_label_alt_id 
_struct_conn.pdbx_ptnr3_PDB_ins_code 
_struct_conn.details 
_struct_conn.pdbx_dist_value 
_struct_conn.pdbx_value_order 
_struct_conn.pdbx_role 
covale1 covale both ? A ACE 1 C  ? ? ? 1_555 A PHE 2 N  ? ? A ACE 1 A PHE 2 1_555 ? ? ? ? ? ? ? 1.335 ? ? 
covale2 covale none ? A GLU 3 CD ? ? ? 1_555 A LYS 6 NZ ? ? A GLU 3 A LYS 6 1_555 ? ? ? ? ? ? ? 1.343 ? ? 
# 
_struct_conn_type.id          covale 
_struct_conn_type.criteria    ? 
_struct_conn_type.reference   ? 
# 
loop_
_pdbx_modification_feature.ordinal 
_pdbx_modification_feature.label_comp_id 
_pdbx_modification_feature.label_asym_id 
_pdbx_modification_feature.label_seq_id 
_pdbx_modification_feature.label_alt_id 
_pdbx_modification_feature.modified_residue_label_comp_id 
_pdbx_modification_feature.modified_residue_label_asym_id 
_pdbx_modification_feature.modified_residue_label_seq_id 
_pdbx_modification_feature.modified_residue_label_alt_id 
_pdbx_modification_feature.auth_comp_id 
_pdbx_modification_feature.auth_asym_id 
_pdbx_modification_feature.auth_seq_id 
_pdbx_modification_feature.PDB_ins_code 
_pdbx_modification_feature.symmetry 
_pdbx_modification_feature.modified_residue_auth_comp_id 
_pdbx_modification_feature.modified_residue_auth_asym_id 
_pdbx_modification_feature.modified_residue_auth_seq_id 
_pdbx_modification_feature.modified_residue_PDB_ins_code 
_pdbx_modification_feature.modified_residue_symmetry 
_pdbx_modification_feature.comp_id_linking_atom 
_pdbx_modification_feature.modified_residue_id_linking_atom 
_pdbx_modification_feature.modified_residue_id 
_pdbx_modification_feature.ref_pcm_id 
_pdbx_modification_feature.ref_comp_id 
_pdbx_modification_feature.type 
_pdbx_modification_feature.category 
1 ACE A 1 ? PHE A 2 ? ACE A 1 ? 1_555 PHE A 2 ? 1_555 .  .  PHE 15 ACE None 'Terminal acetylation' 
2 GLU A 3 ? LYS A 6 ? GLU A 3 ? 1_555 LYS A 6 ? 1_555 CD NZ .   .  .   None 'Isopeptide bond'      
# 
_pdbx_entry_details.entry_id                   1FOZ 
_pdbx_entry_details.compound_details           ? 
_pdbx_entry_details.source_details             ? 
_pdbx_entry_details.nonpolymer_details         ? 
_pdbx_entry_details.sequence_details           ? 
_pdbx_entry_details.has_ligand_of_interest     ? 
_pdbx_entry_details.has_protein_modification   Y 
# 
loop_
_pdbx_validate_torsion.id 
_pdbx_validate_torsion.PDB_model_num 
_pdbx_validate_torsion.auth_comp_id 
_pdbx_validate_torsion.auth_asym_id 
_pdbx_validate_torsion.auth_seq_id 
_pdbx_validate_torsion.PDB_ins_code 
_pdbx_validate_torsion.label_alt_id 
_pdbx_validate_torsion.phi 
_pdbx_validate_torsion.psi 
1 1 GLU A 3 ? ? 71.91  54.38 
2 1 ASP A 5 ? ? 158.67 76.52 
3 2 GLU A 3 ? ? 72.31  53.44 
4 2 ASP A 5 ? ? 160.37 75.62 
5 3 ASP A 5 ? ? 159.10 79.50 
# 
_pdbx_nmr_ensemble.entry_id                                      1FOZ 
_pdbx_nmr_ensemble.conformers_calculated_total_number            100 
_pdbx_nmr_ensemble.conformers_submitted_total_number             3 
_pdbx_nmr_ensemble.conformer_selection_criteria                  'back calculated data agree with experimental NOESY spectrum' 
_pdbx_nmr_ensemble.average_constraints_per_residue               ? 
_pdbx_nmr_ensemble.average_constraint_violations_per_residue     ? 
_pdbx_nmr_ensemble.maximum_distance_constraint_violation         ? 
_pdbx_nmr_ensemble.average_distance_constraint_violation         ? 
_pdbx_nmr_ensemble.maximum_upper_distance_constraint_violation   ? 
_pdbx_nmr_ensemble.maximum_lower_distance_constraint_violation   ? 
_pdbx_nmr_ensemble.distance_constraint_violation_method          ? 
_pdbx_nmr_ensemble.maximum_torsion_angle_constraint_violation    ? 
_pdbx_nmr_ensemble.average_torsion_angle_constraint_violation    ? 
_pdbx_nmr_ensemble.torsion_angle_constraint_violation_method     ? 
# 
loop_
_chem_comp_atom.comp_id 
_chem_comp_atom.atom_id 
_chem_comp_atom.type_symbol 
_chem_comp_atom.pdbx_aromatic_flag 
_chem_comp_atom.pdbx_stereo_config 
_chem_comp_atom.pdbx_ordinal 
ACE C    C N N 1   
ACE O    O N N 2   
ACE CH3  C N N 3   
ACE H    H N N 4   
ACE H1   H N N 5   
ACE H2   H N N 6   
ACE H3   H N N 7   
ASP N    N N N 8   
ASP CA   C N S 9   
ASP C    C N N 10  
ASP O    O N N 11  
ASP CB   C N N 12  
ASP CG   C N N 13  
ASP OD1  O N N 14  
ASP OD2  O N N 15  
ASP OXT  O N N 16  
ASP H    H N N 17  
ASP H2   H N N 18  
ASP HA   H N N 19  
ASP HB2  H N N 20  
ASP HB3  H N N 21  
ASP HD2  H N N 22  
ASP HXT  H N N 23  
GLU N    N N N 24  
GLU CA   C N S 25  
GLU C    C N N 26  
GLU O    O N N 27  
GLU CB   C N N 28  
GLU CG   C N N 29  
GLU CD   C N N 30  
GLU OE1  O N N 31  
GLU OE2  O N N 32  
GLU OXT  O N N 33  
GLU H    H N N 34  
GLU H2   H N N 35  
GLU HA   H N N 36  
GLU HB2  H N N 37  
GLU HB3  H N N 38  
GLU HG2  H N N 39  
GLU HG3  H N N 40  
GLU HE2  H N N 41  
GLU HXT  H N N 42  
LEU N    N N N 43  
LEU CA   C N S 44  
LEU C    C N N 45  
LEU O    O N N 46  
LEU CB   C N N 47  
LEU CG   C N N 48  
LEU CD1  C N N 49  
LEU CD2  C N N 50  
LEU OXT  O N N 51  
LEU H    H N N 52  
LEU H2   H N N 53  
LEU HA   H N N 54  
LEU HB2  H N N 55  
LEU HB3  H N N 56  
LEU HG   H N N 57  
LEU HD11 H N N 58  
LEU HD12 H N N 59  
LEU HD13 H N N 60  
LEU HD21 H N N 61  
LEU HD22 H N N 62  
LEU HD23 H N N 63  
LEU HXT  H N N 64  
LYS N    N N N 65  
LYS CA   C N S 66  
LYS C    C N N 67  
LYS O    O N N 68  
LYS CB   C N N 69  
LYS CG   C N N 70  
LYS CD   C N N 71  
LYS CE   C N N 72  
LYS NZ   N N N 73  
LYS OXT  O N N 74  
LYS H    H N N 75  
LYS H2   H N N 76  
LYS HA   H N N 77  
LYS HB2  H N N 78  
LYS HB3  H N N 79  
LYS HG2  H N N 80  
LYS HG3  H N N 81  
LYS HD2  H N N 82  
LYS HD3  H N N 83  
LYS HE2  H N N 84  
LYS HE3  H N N 85  
LYS HZ1  H N N 86  
LYS HZ2  H N N 87  
LYS HZ3  H N N 88  
LYS HXT  H N N 89  
PHE N    N N N 90  
PHE CA   C N S 91  
PHE C    C N N 92  
PHE O    O N N 93  
PHE CB   C N N 94  
PHE CG   C Y N 95  
PHE CD1  C Y N 96  
PHE CD2  C Y N 97  
PHE CE1  C Y N 98  
PHE CE2  C Y N 99  
PHE CZ   C Y N 100 
PHE OXT  O N N 101 
PHE H    H N N 102 
PHE H2   H N N 103 
PHE HA   H N N 104 
PHE HB2  H N N 105 
PHE HB3  H N N 106 
PHE HD1  H N N 107 
PHE HD2  H N N 108 
PHE HE1  H N N 109 
PHE HE2  H N N 110 
PHE HZ   H N N 111 
PHE HXT  H N N 112 
# 
loop_
_chem_comp_bond.comp_id 
_chem_comp_bond.atom_id_1 
_chem_comp_bond.atom_id_2 
_chem_comp_bond.value_order 
_chem_comp_bond.pdbx_aromatic_flag 
_chem_comp_bond.pdbx_stereo_config 
_chem_comp_bond.pdbx_ordinal 
ACE C   O    doub N N 1   
ACE C   CH3  sing N N 2   
ACE C   H    sing N N 3   
ACE CH3 H1   sing N N 4   
ACE CH3 H2   sing N N 5   
ACE CH3 H3   sing N N 6   
ASP N   CA   sing N N 7   
ASP N   H    sing N N 8   
ASP N   H2   sing N N 9   
ASP CA  C    sing N N 10  
ASP CA  CB   sing N N 11  
ASP CA  HA   sing N N 12  
ASP C   O    doub N N 13  
ASP C   OXT  sing N N 14  
ASP CB  CG   sing N N 15  
ASP CB  HB2  sing N N 16  
ASP CB  HB3  sing N N 17  
ASP CG  OD1  doub N N 18  
ASP CG  OD2  sing N N 19  
ASP OD2 HD2  sing N N 20  
ASP OXT HXT  sing N N 21  
GLU N   CA   sing N N 22  
GLU N   H    sing N N 23  
GLU N   H2   sing N N 24  
GLU CA  C    sing N N 25  
GLU CA  CB   sing N N 26  
GLU CA  HA   sing N N 27  
GLU C   O    doub N N 28  
GLU C   OXT  sing N N 29  
GLU CB  CG   sing N N 30  
GLU CB  HB2  sing N N 31  
GLU CB  HB3  sing N N 32  
GLU CG  CD   sing N N 33  
GLU CG  HG2  sing N N 34  
GLU CG  HG3  sing N N 35  
GLU CD  OE1  doub N N 36  
GLU CD  OE2  sing N N 37  
GLU OE2 HE2  sing N N 38  
GLU OXT HXT  sing N N 39  
LEU N   CA   sing N N 40  
LEU N   H    sing N N 41  
LEU N   H2   sing N N 42  
LEU CA  C    sing N N 43  
LEU CA  CB   sing N N 44  
LEU CA  HA   sing N N 45  
LEU C   O    doub N N 46  
LEU C   OXT  sing N N 47  
LEU CB  CG   sing N N 48  
LEU CB  HB2  sing N N 49  
LEU CB  HB3  sing N N 50  
LEU CG  CD1  sing N N 51  
LEU CG  CD2  sing N N 52  
LEU CG  HG   sing N N 53  
LEU CD1 HD11 sing N N 54  
LEU CD1 HD12 sing N N 55  
LEU CD1 HD13 sing N N 56  
LEU CD2 HD21 sing N N 57  
LEU CD2 HD22 sing N N 58  
LEU CD2 HD23 sing N N 59  
LEU OXT HXT  sing N N 60  
LYS N   CA   sing N N 61  
LYS N   H    sing N N 62  
LYS N   H2   sing N N 63  
LYS CA  C    sing N N 64  
LYS CA  CB   sing N N 65  
LYS CA  HA   sing N N 66  
LYS C   O    doub N N 67  
LYS C   OXT  sing N N 68  
LYS CB  CG   sing N N 69  
LYS CB  HB2  sing N N 70  
LYS CB  HB3  sing N N 71  
LYS CG  CD   sing N N 72  
LYS CG  HG2  sing N N 73  
LYS CG  HG3  sing N N 74  
LYS CD  CE   sing N N 75  
LYS CD  HD2  sing N N 76  
LYS CD  HD3  sing N N 77  
LYS CE  NZ   sing N N 78  
LYS CE  HE2  sing N N 79  
LYS CE  HE3  sing N N 80  
LYS NZ  HZ1  sing N N 81  
LYS NZ  HZ2  sing N N 82  
LYS NZ  HZ3  sing N N 83  
LYS OXT HXT  sing N N 84  
PHE N   CA   sing N N 85  
PHE N   H    sing N N 86  
PHE N   H2   sing N N 87  
PHE CA  C    sing N N 88  
PHE CA  CB   sing N N 89  
PHE CA  HA   sing N N 90  
PHE C   O    doub N N 91  
PHE C   OXT  sing N N 92  
PHE CB  CG   sing N N 93  
PHE CB  HB2  sing N N 94  
PHE CB  HB3  sing N N 95  
PHE CG  CD1  doub Y N 96  
PHE CG  CD2  sing Y N 97  
PHE CD1 CE1  sing Y N 98  
PHE CD1 HD1  sing N N 99  
PHE CD2 CE2  doub Y N 100 
PHE CD2 HD2  sing N N 101 
PHE CE1 CZ   doub Y N 102 
PHE CE1 HE1  sing N N 103 
PHE CE2 CZ   sing Y N 104 
PHE CE2 HE2  sing N N 105 
PHE CZ  HZ   sing N N 106 
PHE OXT HXT  sing N N 107 
# 
_atom_sites.entry_id                    1FOZ 
_atom_sites.fract_transf_matrix[1][1]   1.000000 
_atom_sites.fract_transf_matrix[1][2]   0.000000 
_atom_sites.fract_transf_matrix[1][3]   0.000000 
_atom_sites.fract_transf_matrix[2][1]   0.000000 
_atom_sites.fract_transf_matrix[2][2]   1.000000 
_atom_sites.fract_transf_matrix[2][3]   0.000000 
_atom_sites.fract_transf_matrix[3][1]   0.000000 
_atom_sites.fract_transf_matrix[3][2]   0.000000 
_atom_sites.fract_transf_matrix[3][3]   1.000000 
_atom_sites.fract_transf_vector[1]      0.00000 
_atom_sites.fract_transf_vector[2]      0.00000 
_atom_sites.fract_transf_vector[3]      0.00000 
# 
loop_
_atom_type.symbol 
C 
H 
N 
O 
# 
loop_
_atom_site.group_PDB 
_atom_site.id 
_atom_site.type_symbol 
_atom_site.label_atom_id 
_atom_site.label_alt_id 
_atom_site.label_comp_id 
_atom_site.label_asym_id 
_atom_site.label_entity_id 
_atom_site.label_seq_id 
_atom_site.pdbx_PDB_ins_code 
_atom_site.Cartn_x 
_atom_site.Cartn_y 
_atom_site.Cartn_z 
_atom_site.occupancy 
_atom_site.B_iso_or_equiv 
_atom_site.pdbx_formal_charge 
_atom_site.auth_seq_id 
_atom_site.auth_comp_id 
_atom_site.auth_asym_id 
_atom_site.auth_atom_id 
_atom_site.pdbx_PDB_model_num 
HETATM 1   C C    . ACE A 1 1 ? -1.945 0.451  -8.205  1.00 0.00 ? 1 ACE A C    1 
HETATM 2   O O    . ACE A 1 1 ? -3.050 -0.054 -8.002  1.00 0.00 ? 1 ACE A O    1 
HETATM 3   C CH3  . ACE A 1 1 ? -1.452 0.756  -9.618  1.00 0.00 ? 1 ACE A CH3  1 
HETATM 4   H H1   . ACE A 1 1 ? -2.171 0.410  -10.380 1.00 0.00 ? 1 ACE A H1   1 
HETATM 5   H H2   . ACE A 1 1 ? -1.314 1.845  -9.761  1.00 0.00 ? 1 ACE A H2   1 
HETATM 6   H H3   . ACE A 1 1 ? -0.481 0.269  -9.822  1.00 0.00 ? 1 ACE A H3   1 
ATOM   7   N N    . PHE A 1 2 ? -1.076 0.780  -7.247  1.00 0.00 ? 2 PHE A N    1 
ATOM   8   C CA   . PHE A 1 2 ? -1.311 0.598  -5.798  1.00 0.00 ? 2 PHE A CA   1 
ATOM   9   C C    . PHE A 1 2 ? -1.287 -0.864 -5.270  1.00 0.00 ? 2 PHE A C    1 
ATOM   10  O O    . PHE A 1 2 ? -1.193 -1.837 -6.025  1.00 0.00 ? 2 PHE A O    1 
ATOM   11  C CB   . PHE A 1 2 ? -2.370 1.596  -5.206  1.00 0.00 ? 2 PHE A CB   1 
ATOM   12  C CG   . PHE A 1 2 ? -1.730 2.650  -4.280  1.00 0.00 ? 2 PHE A CG   1 
ATOM   13  C CD1  . PHE A 1 2 ? -0.975 3.688  -4.837  1.00 0.00 ? 2 PHE A CD1  1 
ATOM   14  C CD2  . PHE A 1 2 ? -1.750 2.488  -2.890  1.00 0.00 ? 2 PHE A CD2  1 
ATOM   15  C CE1  . PHE A 1 2 ? -0.259 4.558  -4.018  1.00 0.00 ? 2 PHE A CE1  1 
ATOM   16  C CE2  . PHE A 1 2 ? -1.045 3.366  -2.072  1.00 0.00 ? 2 PHE A CE2  1 
ATOM   17  C CZ   . PHE A 1 2 ? -0.301 4.404  -2.636  1.00 0.00 ? 2 PHE A CZ   1 
ATOM   18  H H    . PHE A 1 2 ? -0.211 1.204  -7.589  1.00 0.00 ? 2 PHE A H    1 
ATOM   19  H HA   . PHE A 1 2 ? -0.328 0.945  -5.424  1.00 0.00 ? 2 PHE A HA   1 
ATOM   20  H HB2  . PHE A 1 2 ? -2.924 2.119  -6.008  1.00 0.00 ? 2 PHE A HB2  1 
ATOM   21  H HB3  . PHE A 1 2 ? -3.161 1.036  -4.672  1.00 0.00 ? 2 PHE A HB3  1 
ATOM   22  H HD1  . PHE A 1 2 ? -0.877 3.783  -5.910  1.00 0.00 ? 2 PHE A HD1  1 
ATOM   23  H HD2  . PHE A 1 2 ? -2.268 1.652  -2.442  1.00 0.00 ? 2 PHE A HD2  1 
ATOM   24  H HE1  . PHE A 1 2 ? 0.370  5.315  -4.470  1.00 0.00 ? 2 PHE A HE1  1 
ATOM   25  H HE2  . PHE A 1 2 ? -1.029 3.204  -1.003  1.00 0.00 ? 2 PHE A HE2  1 
ATOM   26  H HZ   . PHE A 1 2 ? 0.268  5.069  -1.998  1.00 0.00 ? 2 PHE A HZ   1 
ATOM   27  N N    . GLU A 1 3 ? -1.329 -0.987 -3.933  1.00 0.00 ? 3 GLU A N    1 
ATOM   28  C CA   . GLU A 1 3 ? -1.204 -2.269 -3.183  1.00 0.00 ? 3 GLU A CA   1 
ATOM   29  C C    . GLU A 1 3 ? 0.272  -2.809 -3.234  1.00 0.00 ? 3 GLU A C    1 
ATOM   30  O O    . GLU A 1 3 ? 0.564  -3.942 -3.629  1.00 0.00 ? 3 GLU A O    1 
ATOM   31  C CB   . GLU A 1 3 ? -2.351 -3.296 -3.422  1.00 0.00 ? 3 GLU A CB   1 
ATOM   32  C CG   . GLU A 1 3 ? -2.419 -4.495 -2.434  1.00 0.00 ? 3 GLU A CG   1 
ATOM   33  C CD   . GLU A 1 3 ? -2.937 -4.191 -1.007  1.00 0.00 ? 3 GLU A CD   1 
ATOM   34  O OE2  . GLU A 1 3 ? -4.047 -4.610 -0.655  1.00 0.00 ? 3 GLU A OE2  1 
ATOM   35  H H    . GLU A 1 3 ? -1.457 -0.102 -3.430  1.00 0.00 ? 3 GLU A H    1 
ATOM   36  H HA   . GLU A 1 3 ? -1.345 -1.933 -2.138  1.00 0.00 ? 3 GLU A HA   1 
ATOM   37  H HB2  . GLU A 1 3 ? -3.324 -2.771 -3.389  1.00 0.00 ? 3 GLU A HB2  1 
ATOM   38  H HB3  . GLU A 1 3 ? -2.260 -3.688 -4.451  1.00 0.00 ? 3 GLU A HB3  1 
ATOM   39  H HG2  . GLU A 1 3 ? -3.067 -5.273 -2.884  1.00 0.00 ? 3 GLU A HG2  1 
ATOM   40  H HG3  . GLU A 1 3 ? -1.436 -5.000 -2.367  1.00 0.00 ? 3 GLU A HG3  1 
ATOM   41  N N    . LEU A 1 4 ? 1.178  -1.914 -2.811  1.00 0.00 ? 4 LEU A N    1 
ATOM   42  C CA   . LEU A 1 4 ? 2.651  -2.117 -2.702  1.00 0.00 ? 4 LEU A CA   1 
ATOM   43  C C    . LEU A 1 4 ? 3.091  -2.741 -1.320  1.00 0.00 ? 4 LEU A C    1 
ATOM   44  O O    . LEU A 1 4 ? 4.004  -3.563 -1.237  1.00 0.00 ? 4 LEU A O    1 
ATOM   45  C CB   . LEU A 1 4 ? 3.273  -0.717 -3.060  1.00 0.00 ? 4 LEU A CB   1 
ATOM   46  C CG   . LEU A 1 4 ? 2.999  0.519  -2.132  1.00 0.00 ? 4 LEU A CG   1 
ATOM   47  C CD1  . LEU A 1 4 ? 4.113  0.722  -1.082  1.00 0.00 ? 4 LEU A CD1  1 
ATOM   48  C CD2  . LEU A 1 4 ? 2.768  1.830  -2.921  1.00 0.00 ? 4 LEU A CD2  1 
ATOM   49  H H    . LEU A 1 4 ? 0.761  -1.008 -2.567  1.00 0.00 ? 4 LEU A H    1 
ATOM   50  H HA   . LEU A 1 4 ? 2.970  -2.820 -3.495  1.00 0.00 ? 4 LEU A HA   1 
ATOM   51  H HB2  . LEU A 1 4 ? 4.362  -0.816 -3.211  1.00 0.00 ? 4 LEU A HB2  1 
ATOM   52  H HB3  . LEU A 1 4 ? 2.922  -0.461 -4.081  1.00 0.00 ? 4 LEU A HB3  1 
ATOM   53  H HG   . LEU A 1 4 ? 2.054  0.342  -1.581  1.00 0.00 ? 4 LEU A HG   1 
ATOM   54  H HD11 . LEU A 1 4 ? 4.274  -0.188 -0.477  1.00 0.00 ? 4 LEU A HD11 1 
ATOM   55  H HD12 . LEU A 1 4 ? 5.083  0.986  -1.544  1.00 0.00 ? 4 LEU A HD12 1 
ATOM   56  H HD13 . LEU A 1 4 ? 3.856  1.530  -0.370  1.00 0.00 ? 4 LEU A HD13 1 
ATOM   57  H HD21 . LEU A 1 4 ? 3.644  2.120  -3.534  1.00 0.00 ? 4 LEU A HD21 1 
ATOM   58  H HD22 . LEU A 1 4 ? 1.904  1.742  -3.607  1.00 0.00 ? 4 LEU A HD22 1 
ATOM   59  H HD23 . LEU A 1 4 ? 2.541  2.680  -2.247  1.00 0.00 ? 4 LEU A HD23 1 
ATOM   60  N N    . ASP A 1 5 ? 2.379  -2.302 -0.274  1.00 0.00 ? 5 ASP A N    1 
ATOM   61  C CA   . ASP A 1 5 ? 2.448  -2.641 1.172   1.00 0.00 ? 5 ASP A CA   1 
ATOM   62  C C    . ASP A 1 5 ? 1.747  -1.342 1.693   1.00 0.00 ? 5 ASP A C    1 
ATOM   63  O O    . ASP A 1 5 ? 2.428  -0.440 2.196   1.00 0.00 ? 5 ASP A O    1 
ATOM   64  C CB   . ASP A 1 5 ? 3.855  -2.941 1.772   1.00 0.00 ? 5 ASP A CB   1 
ATOM   65  C CG   . ASP A 1 5 ? 3.820  -3.308 3.266   1.00 0.00 ? 5 ASP A CG   1 
ATOM   66  O OD1  . ASP A 1 5 ? 3.450  -4.457 3.598   1.00 0.00 ? 5 ASP A OD1  1 
ATOM   67  O OD2  . ASP A 1 5 ? 4.155  -2.445 4.105   1.00 0.00 ? 5 ASP A OD2  1 
ATOM   68  H H    . ASP A 1 5 ? 1.639  -1.657 -0.570  1.00 0.00 ? 5 ASP A H    1 
ATOM   69  H HA   . ASP A 1 5 ? 1.795  -3.517 1.341   1.00 0.00 ? 5 ASP A HA   1 
ATOM   70  H HB2  . ASP A 1 5 ? 4.300  -3.799 1.235   1.00 0.00 ? 5 ASP A HB2  1 
ATOM   71  H HB3  . ASP A 1 5 ? 4.552  -2.094 1.601   1.00 0.00 ? 5 ASP A HB3  1 
ATOM   72  N N    . LYS A 1 6 ? 0.395  -1.246 1.570   1.00 0.00 ? 6 LYS A N    1 
ATOM   73  C CA   . LYS A 1 6 ? -0.344 -0.011 1.899   1.00 0.00 ? 6 LYS A CA   1 
ATOM   74  C C    . LYS A 1 6 ? -0.795 0.242  3.360   1.00 0.00 ? 6 LYS A C    1 
ATOM   75  O O    . LYS A 1 6 ? -1.719 -0.372 3.893   1.00 0.00 ? 6 LYS A O    1 
ATOM   76  C CB   . LYS A 1 6 ? -1.444 0.289  0.835   1.00 0.00 ? 6 LYS A CB   1 
ATOM   77  C CG   . LYS A 1 6 ? -2.743 -0.537 0.587   1.00 0.00 ? 6 LYS A CG   1 
ATOM   78  C CD   . LYS A 1 6 ? -3.173 -1.785 1.392   1.00 0.00 ? 6 LYS A CD   1 
ATOM   79  C CE   . LYS A 1 6 ? -2.437 -3.131 1.185   1.00 0.00 ? 6 LYS A CE   1 
ATOM   80  N NZ   . LYS A 1 6 ? -2.117 -3.485 -0.212  1.00 0.00 ? 6 LYS A NZ   1 
ATOM   81  H H    . LYS A 1 6 ? -0.049 -2.019 1.058   1.00 0.00 ? 6 LYS A H    1 
ATOM   82  H HA   . LYS A 1 6 ? 0.362  0.814  1.637   1.00 0.00 ? 6 LYS A HA   1 
ATOM   83  H HB2  . LYS A 1 6 ? -1.761 1.340  0.998   1.00 0.00 ? 6 LYS A HB2  1 
ATOM   84  H HB3  . LYS A 1 6 ? -0.930 0.357  -0.147  1.00 0.00 ? 6 LYS A HB3  1 
ATOM   85  H HG2  . LYS A 1 6 ? -3.581 0.177  0.677   1.00 0.00 ? 6 LYS A HG2  1 
ATOM   86  H HG3  . LYS A 1 6 ? -2.764 -0.798 -0.485  1.00 0.00 ? 6 LYS A HG3  1 
ATOM   87  H HD2  . LYS A 1 6 ? -3.209 -1.558 2.468   1.00 0.00 ? 6 LYS A HD2  1 
ATOM   88  H HD3  . LYS A 1 6 ? -4.233 -1.966 1.142   1.00 0.00 ? 6 LYS A HD3  1 
ATOM   89  H HE2  . LYS A 1 6 ? -1.492 -3.120 1.749   1.00 0.00 ? 6 LYS A HE2  1 
ATOM   90  H HE3  . LYS A 1 6 ? -3.014 -3.940 1.666   1.00 0.00 ? 6 LYS A HE3  1 
ATOM   91  H HZ1  . LYS A 1 6 ? -1.358 -3.010 -0.719  1.00 0.00 ? 6 LYS A HZ1  1 
ATOM   92  N N    . ASP A 1 7 ? -0.080 1.194  3.978   1.00 0.00 ? 7 ASP A N    1 
ATOM   93  C CA   . ASP A 1 7 ? -0.382 1.740  5.334   1.00 0.00 ? 7 ASP A CA   1 
ATOM   94  C C    . ASP A 1 7 ? -1.339 2.990  5.210   1.00 0.00 ? 7 ASP A C    1 
ATOM   95  O O    . ASP A 1 7 ? -2.138 3.248  6.112   1.00 0.00 ? 7 ASP A O    1 
ATOM   96  C CB   . ASP A 1 7 ? 0.974  2.102  6.000   1.00 0.00 ? 7 ASP A CB   1 
ATOM   97  C CG   . ASP A 1 7 ? 0.892  2.528  7.475   1.00 0.00 ? 7 ASP A CG   1 
ATOM   98  O OD1  . ASP A 1 7 ? 0.902  1.651  8.367   1.00 0.00 ? 7 ASP A OD1  1 
ATOM   99  O OD2  . ASP A 1 7 ? 0.815  3.747  7.743   1.00 0.00 ? 7 ASP A OD2  1 
ATOM   100 H H    . ASP A 1 7 ? 0.630  1.630  3.381   1.00 0.00 ? 7 ASP A H    1 
ATOM   101 H HA   . ASP A 1 7 ? -0.884 0.967  5.948   1.00 0.00 ? 7 ASP A HA   1 
ATOM   102 H HB2  . ASP A 1 7 ? 1.664  1.236  5.948   1.00 0.00 ? 7 ASP A HB2  1 
ATOM   103 H HB3  . ASP A 1 7 ? 1.474  2.908  5.423   1.00 0.00 ? 7 ASP A HB3  1 
ATOM   104 N N    . PHE A 1 8 ? -1.236 3.739  4.088   1.00 0.00 ? 8 PHE A N    1 
ATOM   105 C CA   . PHE A 1 8 ? -2.006 4.949  3.716   1.00 0.00 ? 8 PHE A CA   1 
ATOM   106 C C    . PHE A 1 8 ? -3.543 4.757  3.774   1.00 0.00 ? 8 PHE A C    1 
ATOM   107 O O    . PHE A 1 8 ? -4.061 3.756  3.224   1.00 0.00 ? 8 PHE A O    1 
ATOM   108 C CB   . PHE A 1 8 ? -1.598 5.369  2.258   1.00 0.00 ? 8 PHE A CB   1 
ATOM   109 C CG   . PHE A 1 8 ? -0.093 5.366  1.871   1.00 0.00 ? 8 PHE A CG   1 
ATOM   110 C CD1  . PHE A 1 8 ? 0.488  4.196  1.361   1.00 0.00 ? 8 PHE A CD1  1 
ATOM   111 C CD2  . PHE A 1 8 ? 0.715  6.485  2.094   1.00 0.00 ? 8 PHE A CD2  1 
ATOM   112 C CE1  . PHE A 1 8 ? 1.853  4.144  1.095   1.00 0.00 ? 8 PHE A CE1  1 
ATOM   113 C CE2  . PHE A 1 8 ? 2.082  6.433  1.822   1.00 0.00 ? 8 PHE A CE2  1 
ATOM   114 C CZ   . PHE A 1 8 ? 2.651  5.261  1.329   1.00 0.00 ? 8 PHE A CZ   1 
ATOM   115 O OXT  . PHE A 1 8 ? -4.229 5.604  4.388   1.00 0.00 ? 8 PHE A OXT  1 
ATOM   116 H H    . PHE A 1 8 ? -0.531 3.376  3.437   1.00 0.00 ? 8 PHE A H    1 
ATOM   117 H HA   . PHE A 1 8 ? -1.712 5.758  4.413   1.00 0.00 ? 8 PHE A HA   1 
ATOM   118 H HB2  . PHE A 1 8 ? -2.119 4.715  1.533   1.00 0.00 ? 8 PHE A HB2  1 
ATOM   119 H HB3  . PHE A 1 8 ? -2.023 6.369  2.046   1.00 0.00 ? 8 PHE A HB3  1 
ATOM   120 H HD1  . PHE A 1 8 ? -0.105 3.305  1.204   1.00 0.00 ? 8 PHE A HD1  1 
ATOM   121 H HD2  . PHE A 1 8 ? 0.293  7.393  2.499   1.00 0.00 ? 8 PHE A HD2  1 
ATOM   122 H HE1  . PHE A 1 8 ? 2.297  3.231  0.723   1.00 0.00 ? 8 PHE A HE1  1 
ATOM   123 H HE2  . PHE A 1 8 ? 2.705  7.300  2.004   1.00 0.00 ? 8 PHE A HE2  1 
ATOM   124 H HZ   . PHE A 1 8 ? 3.712  5.214  1.135   1.00 0.00 ? 8 PHE A HZ   1 
HETATM 125 C C    . ACE A 1 1 ? -1.961 0.307  -8.293  1.00 0.00 ? 1 ACE A C    2 
HETATM 126 O O    . ACE A 1 1 ? -3.062 -0.201 -8.068  1.00 0.00 ? 1 ACE A O    2 
HETATM 127 C CH3  . ACE A 1 1 ? -1.489 0.603  -9.713  1.00 0.00 ? 1 ACE A CH3  2 
HETATM 128 H H1   . ACE A 1 1 ? -0.518 0.120  -9.928  1.00 0.00 ? 1 ACE A H1   2 
HETATM 129 H H2   . ACE A 1 1 ? -2.215 0.246  -10.464 1.00 0.00 ? 1 ACE A H2   2 
HETATM 130 H H3   . ACE A 1 1 ? -1.359 1.691  -9.870  1.00 0.00 ? 1 ACE A H3   2 
ATOM   131 N N    . PHE A 1 2 ? -1.079 0.647  -7.350  1.00 0.00 ? 2 PHE A N    2 
ATOM   132 C CA   . PHE A 1 2 ? -1.287 0.478  -5.894  1.00 0.00 ? 2 PHE A CA   2 
ATOM   133 C C    . PHE A 1 2 ? -1.237 -0.978 -5.345  1.00 0.00 ? 2 PHE A C    2 
ATOM   134 O O    . PHE A 1 2 ? -1.129 -1.960 -6.089  1.00 0.00 ? 2 PHE A O    2 
ATOM   135 C CB   . PHE A 1 2 ? -2.341 1.477  -5.295  1.00 0.00 ? 2 PHE A CB   2 
ATOM   136 C CG   . PHE A 1 2 ? -1.691 2.556  -4.404  1.00 0.00 ? 2 PHE A CG   2 
ATOM   137 C CD1  . PHE A 1 2 ? -0.969 3.600  -4.998  1.00 0.00 ? 2 PHE A CD1  2 
ATOM   138 C CD2  . PHE A 1 2 ? -1.669 2.416  -3.011  1.00 0.00 ? 2 PHE A CD2  2 
ATOM   139 C CE1  . PHE A 1 2 ? -0.251 4.495  -4.213  1.00 0.00 ? 2 PHE A CE1  2 
ATOM   140 C CE2  . PHE A 1 2 ? -0.957 3.318  -2.228  1.00 0.00 ? 2 PHE A CE2  2 
ATOM   141 C CZ   . PHE A 1 2 ? -0.249 4.362  -2.826  1.00 0.00 ? 2 PHE A CZ   2 
ATOM   142 H H    . PHE A 1 2 ? -0.223 1.076  -7.711  1.00 0.00 ? 2 PHE A H    2 
ATOM   143 H HA   . PHE A 1 2 ? -0.302 0.837  -5.540  1.00 0.00 ? 2 PHE A HA   2 
ATOM   144 H HB2  . PHE A 1 2 ? -2.926 1.978  -6.094  1.00 0.00 ? 2 PHE A HB2  2 
ATOM   145 H HB3  . PHE A 1 2 ? -3.114 0.919  -4.727  1.00 0.00 ? 2 PHE A HB3  2 
ATOM   146 H HD1  . PHE A 1 2 ? -0.903 3.680  -6.075  1.00 0.00 ? 2 PHE A HD1  2 
ATOM   147 H HD2  . PHE A 1 2 ? -2.157 1.578  -2.536  1.00 0.00 ? 2 PHE A HD2  2 
ATOM   148 H HE1  . PHE A 1 2 ? 0.351  5.257  -4.693  1.00 0.00 ? 2 PHE A HE1  2 
ATOM   149 H HE2  . PHE A 1 2 ? -0.911 3.173  -1.157  1.00 0.00 ? 2 PHE A HE2  2 
ATOM   150 H HZ   . PHE A 1 2 ? 0.326  5.044  -2.218  1.00 0.00 ? 2 PHE A HZ   2 
ATOM   151 N N    . GLU A 1 3 ? -1.276 -1.083 -4.006  1.00 0.00 ? 3 GLU A N    2 
ATOM   152 C CA   . GLU A 1 3 ? -1.132 -2.356 -3.240  1.00 0.00 ? 3 GLU A CA   2 
ATOM   153 C C    . GLU A 1 3 ? 0.351  -2.879 -3.273  1.00 0.00 ? 3 GLU A C    2 
ATOM   154 O O    . GLU A 1 3 ? 0.658  -4.018 -3.632  1.00 0.00 ? 3 GLU A O    2 
ATOM   155 C CB   . GLU A 1 3 ? -2.257 -3.405 -3.477  1.00 0.00 ? 3 GLU A CB   2 
ATOM   156 C CG   . GLU A 1 3 ? -2.344 -4.563 -2.446  1.00 0.00 ? 3 GLU A CG   2 
ATOM   157 C CD   . GLU A 1 3 ? -2.898 -4.188 -1.050  1.00 0.00 ? 3 GLU A CD   2 
ATOM   158 O OE2  . GLU A 1 3 ? -4.069 -4.447 -0.765  1.00 0.00 ? 3 GLU A OE2  2 
ATOM   159 H H    . GLU A 1 3 ? -1.432 -0.197 -3.518  1.00 0.00 ? 3 GLU A H    2 
ATOM   160 H HA   . GLU A 1 3 ? -1.282 -2.017 -2.199  1.00 0.00 ? 3 GLU A HA   2 
ATOM   161 H HB2  . GLU A 1 3 ? -3.239 -2.891 -3.495  1.00 0.00 ? 3 GLU A HB2  2 
ATOM   162 H HB3  . GLU A 1 3 ? -2.124 -3.832 -4.487  1.00 0.00 ? 3 GLU A HB3  2 
ATOM   163 H HG2  . GLU A 1 3 ? -2.994 -5.351 -2.871  1.00 0.00 ? 3 GLU A HG2  2 
ATOM   164 H HG3  . GLU A 1 3 ? -1.368 -5.078 -2.345  1.00 0.00 ? 3 GLU A HG3  2 
ATOM   165 N N    . LEU A 1 4 ? 1.244  -1.959 -2.873  1.00 0.00 ? 4 LEU A N    2 
ATOM   166 C CA   . LEU A 1 4 ? 2.720  -2.141 -2.757  1.00 0.00 ? 4 LEU A CA   2 
ATOM   167 C C    . LEU A 1 4 ? 3.151  -2.745 -1.361  1.00 0.00 ? 4 LEU A C    2 
ATOM   168 O O    . LEU A 1 4 ? 4.063  -3.567 -1.261  1.00 0.00 ? 4 LEU A O    2 
ATOM   169 C CB   . LEU A 1 4 ? 3.330  -0.741 -3.125  1.00 0.00 ? 4 LEU A CB   2 
ATOM   170 C CG   . LEU A 1 4 ? 3.041  0.503  -2.210  1.00 0.00 ? 4 LEU A CG   2 
ATOM   171 C CD1  . LEU A 1 4 ? 4.139  0.723  -1.148  1.00 0.00 ? 4 LEU A CD1  2 
ATOM   172 C CD2  . LEU A 1 4 ? 2.818  1.804  -3.015  1.00 0.00 ? 4 LEU A CD2  2 
ATOM   173 H H    . LEU A 1 4 ? 0.818  -1.054 -2.643  1.00 0.00 ? 4 LEU A H    2 
ATOM   174 H HA   . LEU A 1 4 ? 3.054  -2.854 -3.539  1.00 0.00 ? 4 LEU A HA   2 
ATOM   175 H HB2  . LEU A 1 4 ? 4.423  -0.831 -3.271  1.00 0.00 ? 4 LEU A HB2  2 
ATOM   176 H HB3  . LEU A 1 4 ? 2.977  -0.500 -4.148  1.00 0.00 ? 4 LEU A HB3  2 
ATOM   177 H HG   . LEU A 1 4 ? 2.089  0.328  -1.672  1.00 0.00 ? 4 LEU A HG   2 
ATOM   178 H HD11 . LEU A 1 4 ? 3.865  1.530  -0.443  1.00 0.00 ? 4 LEU A HD11 2 
ATOM   179 H HD12 . LEU A 1 4 ? 4.305  -0.182 -0.537  1.00 0.00 ? 4 LEU A HD12 2 
ATOM   180 H HD13 . LEU A 1 4 ? 5.113  0.994  -1.601  1.00 0.00 ? 4 LEU A HD13 2 
ATOM   181 H HD21 . LEU A 1 4 ? 1.958  1.711  -3.706  1.00 0.00 ? 4 LEU A HD21 2 
ATOM   182 H HD22 . LEU A 1 4 ? 2.588  2.661  -2.351  1.00 0.00 ? 4 LEU A HD22 2 
ATOM   183 H HD23 . LEU A 1 4 ? 3.699  2.087  -3.625  1.00 0.00 ? 4 LEU A HD23 2 
ATOM   184 N N    . ASP A 1 5 ? 2.435  -2.289 -0.326  1.00 0.00 ? 5 ASP A N    2 
ATOM   185 C CA   . ASP A 1 5 ? 2.494  -2.611 1.122   1.00 0.00 ? 5 ASP A CA   2 
ATOM   186 C C    . ASP A 1 5 ? 1.756  -1.329 1.635   1.00 0.00 ? 5 ASP A C    2 
ATOM   187 O O    . ASP A 1 5 ? 2.409  -0.416 2.158   1.00 0.00 ? 5 ASP A O    2 
ATOM   188 C CB   . ASP A 1 5 ? 3.900  -2.877 1.734   1.00 0.00 ? 5 ASP A CB   2 
ATOM   189 C CG   . ASP A 1 5 ? 3.863  -3.234 3.230   1.00 0.00 ? 5 ASP A CG   2 
ATOM   190 O OD1  . ASP A 1 5 ? 3.518  -4.388 3.574   1.00 0.00 ? 5 ASP A OD1  2 
ATOM   191 O OD2  . ASP A 1 5 ? 4.173  -2.357 4.065   1.00 0.00 ? 5 ASP A OD2  2 
ATOM   192 H H    . ASP A 1 5 ? 1.706  -1.640 -0.634  1.00 0.00 ? 5 ASP A H    2 
ATOM   193 H HA   . ASP A 1 5 ? 1.863  -3.504 1.291   1.00 0.00 ? 5 ASP A HA   2 
ATOM   194 H HB2  . ASP A 1 5 ? 4.368  -3.730 1.211   1.00 0.00 ? 5 ASP A HB2  2 
ATOM   195 H HB3  . ASP A 1 5 ? 4.583  -2.021 1.564   1.00 0.00 ? 5 ASP A HB3  2 
ATOM   196 N N    . LYS A 1 6 ? 0.405  -1.256 1.485   1.00 0.00 ? 6 LYS A N    2 
ATOM   197 C CA   . LYS A 1 6 ? -0.364 -0.038 1.824   1.00 0.00 ? 6 LYS A CA   2 
ATOM   198 C C    . LYS A 1 6 ? -0.815 0.183  3.293   1.00 0.00 ? 6 LYS A C    2 
ATOM   199 O O    . LYS A 1 6 ? -1.734 -0.450 3.816   1.00 0.00 ? 6 LYS A O    2 
ATOM   200 C CB   . LYS A 1 6 ? -1.483 0.278  0.785   1.00 0.00 ? 6 LYS A CB   2 
ATOM   201 C CG   . LYS A 1 6 ? -2.702 -0.625 0.438   1.00 0.00 ? 6 LYS A CG   2 
ATOM   202 C CD   . LYS A 1 6 ? -3.174 -1.826 1.288   1.00 0.00 ? 6 LYS A CD   2 
ATOM   203 C CE   . LYS A 1 6 ? -2.416 -3.172 1.171   1.00 0.00 ? 6 LYS A CE   2 
ATOM   204 N NZ   . LYS A 1 6 ? -2.043 -3.587 -0.203  1.00 0.00 ? 6 LYS A NZ   2 
ATOM   205 H H    . LYS A 1 6 ? -0.017 -2.038 0.970   1.00 0.00 ? 6 LYS A H    2 
ATOM   206 H HA   . LYS A 1 6 ? 0.327  0.804  1.574   1.00 0.00 ? 6 LYS A HA   2 
ATOM   207 H HB2  . LYS A 1 6 ? -1.883 1.282  1.036   1.00 0.00 ? 6 LYS A HB2  2 
ATOM   208 H HB3  . LYS A 1 6 ? -0.973 0.471  -0.183  1.00 0.00 ? 6 LYS A HB3  2 
ATOM   209 H HG2  . LYS A 1 6 ? -3.569 0.051  0.350   1.00 0.00 ? 6 LYS A HG2  2 
ATOM   210 H HG3  . LYS A 1 6 ? -2.578 -0.973 -0.601  1.00 0.00 ? 6 LYS A HG3  2 
ATOM   211 H HD2  . LYS A 1 6 ? -3.264 -1.543 2.345   1.00 0.00 ? 6 LYS A HD2  2 
ATOM   212 H HD3  . LYS A 1 6 ? -4.223 -2.024 1.001   1.00 0.00 ? 6 LYS A HD3  2 
ATOM   213 H HE2  . LYS A 1 6 ? -1.496 -3.119 1.773   1.00 0.00 ? 6 LYS A HE2  2 
ATOM   214 H HE3  . LYS A 1 6 ? -3.010 -3.964 1.665   1.00 0.00 ? 6 LYS A HE3  2 
ATOM   215 H HZ1  . LYS A 1 6 ? -1.205 -3.208 -0.656  1.00 0.00 ? 6 LYS A HZ1  2 
ATOM   216 N N    . ASP A 1 7 ? -0.109 1.132  3.924   1.00 0.00 ? 7 ASP A N    2 
ATOM   217 C CA   . ASP A 1 7 ? -0.411 1.652  5.291   1.00 0.00 ? 7 ASP A CA   2 
ATOM   218 C C    . ASP A 1 7 ? -1.392 2.885  5.195   1.00 0.00 ? 7 ASP A C    2 
ATOM   219 O O    . ASP A 1 7 ? -2.185 3.111  6.112   1.00 0.00 ? 7 ASP A O    2 
ATOM   220 C CB   . ASP A 1 7 ? 0.949  2.030  5.943   1.00 0.00 ? 7 ASP A CB   2 
ATOM   221 C CG   . ASP A 1 7 ? 0.885  2.444  7.421   1.00 0.00 ? 7 ASP A CG   2 
ATOM   222 O OD1  . ASP A 1 7 ? 0.925  1.560  8.305   1.00 0.00 ? 7 ASP A OD1  2 
ATOM   223 O OD2  . ASP A 1 7 ? 0.802  3.660  7.700   1.00 0.00 ? 7 ASP A OD2  2 
ATOM   224 H H    . ASP A 1 7 ? 0.608  1.572  3.336   1.00 0.00 ? 7 ASP A H    2 
ATOM   225 H HA   . ASP A 1 7 ? -0.888 0.858  5.898   1.00 0.00 ? 7 ASP A HA   2 
ATOM   226 H HB2  . ASP A 1 7 ? 1.652  1.175  5.872   1.00 0.00 ? 7 ASP A HB2  2 
ATOM   227 H HB3  . ASP A 1 7 ? 1.426  2.847  5.363   1.00 0.00 ? 7 ASP A HB3  2 
ATOM   228 N N    . PHE A 1 8 ? -1.320 3.653  4.087   1.00 0.00 ? 8 PHE A N    2 
ATOM   229 C CA   . PHE A 1 8 ? -2.113 4.854  3.745   1.00 0.00 ? 8 PHE A CA   2 
ATOM   230 C C    . PHE A 1 8 ? -3.645 4.631  3.815   1.00 0.00 ? 8 PHE A C    2 
ATOM   231 O O    . PHE A 1 8 ? -4.341 5.443  4.463   1.00 0.00 ? 8 PHE A O    2 
ATOM   232 C CB   . PHE A 1 8 ? -1.727 5.312  2.292   1.00 0.00 ? 8 PHE A CB   2 
ATOM   233 C CG   . PHE A 1 8 ? -0.227 5.321  1.883   1.00 0.00 ? 8 PHE A CG   2 
ATOM   234 C CD1  . PHE A 1 8 ? 0.584  6.434  2.123   1.00 0.00 ? 8 PHE A CD1  2 
ATOM   235 C CD2  . PHE A 1 8 ? 0.348  4.166  1.333   1.00 0.00 ? 8 PHE A CD2  2 
ATOM   236 C CE1  . PHE A 1 8 ? 1.948  6.390  1.832   1.00 0.00 ? 8 PHE A CE1  2 
ATOM   237 C CE2  . PHE A 1 8 ? 1.708  4.121  1.048   1.00 0.00 ? 8 PHE A CE2  2 
ATOM   238 C CZ   . PHE A 1 8 ? 2.509  5.233  1.301   1.00 0.00 ? 8 PHE A CZ   2 
ATOM   239 O OXT  . PHE A 1 8 ? -4.150 3.633  3.249   1.00 0.00 ? 8 PHE A OXT  2 
ATOM   240 H H    . PHE A 1 8 ? -0.609 3.316  3.424   1.00 0.00 ? 8 PHE A H    2 
ATOM   241 H HA   . PHE A 1 8 ? -1.831 5.656  4.457   1.00 0.00 ? 8 PHE A HA   2 
ATOM   242 H HB2  . PHE A 1 8 ? -2.258 4.678  1.556   1.00 0.00 ? 8 PHE A HB2  2 
ATOM   243 H HB3  . PHE A 1 8 ? -2.157 6.317  2.113   1.00 0.00 ? 8 PHE A HB3  2 
ATOM   244 H HD1  . PHE A 1 8 ? 0.168  7.331  2.558   1.00 0.00 ? 8 PHE A HD1  2 
ATOM   245 H HD2  . PHE A 1 8 ? -0.246 3.279  1.162   1.00 0.00 ? 8 PHE A HD2  2 
ATOM   246 H HE1  . PHE A 1 8 ? 2.573  7.253  2.029   1.00 0.00 ? 8 PHE A HE1  2 
ATOM   247 H HE2  . PHE A 1 8 ? 2.148  3.220  0.644   1.00 0.00 ? 8 PHE A HE2  2 
ATOM   248 H HZ   . PHE A 1 8 ? 3.569  5.191  1.092   1.00 0.00 ? 8 PHE A HZ   2 
HETATM 249 C C    . ACE A 1 1 ? -3.553 0.632  -6.621  1.00 0.00 ? 1 ACE A C    3 
HETATM 250 O O    . ACE A 1 1 ? -3.692 -0.455 -7.186  1.00 0.00 ? 1 ACE A O    3 
HETATM 251 C CH3  . ACE A 1 1 ? -4.764 1.514  -6.339  1.00 0.00 ? 1 ACE A CH3  3 
HETATM 252 H H1   . ACE A 1 1 ? -4.736 2.445  -6.938  1.00 0.00 ? 1 ACE A H1   3 
HETATM 253 H H2   . ACE A 1 1 ? -5.711 0.993  -6.575  1.00 0.00 ? 1 ACE A H2   3 
HETATM 254 H H3   . ACE A 1 1 ? -4.813 1.789  -5.267  1.00 0.00 ? 1 ACE A H3   3 
ATOM   255 N N    . PHE A 1 2 ? -2.376 1.125  -6.212  1.00 0.00 ? 2 PHE A N    3 
ATOM   256 C CA   . PHE A 1 2 ? -1.084 0.397  -6.395  1.00 0.00 ? 2 PHE A CA   3 
ATOM   257 C C    . PHE A 1 2 ? -0.937 -0.909 -5.555  1.00 0.00 ? 2 PHE A C    3 
ATOM   258 O O    . PHE A 1 2 ? -0.628 -1.959 -6.124  1.00 0.00 ? 2 PHE A O    3 
ATOM   259 C CB   . PHE A 1 2 ? 0.168  1.320  -6.283  1.00 0.00 ? 2 PHE A CB   3 
ATOM   260 C CG   . PHE A 1 2 ? 0.240  2.336  -5.122  1.00 0.00 ? 2 PHE A CG   3 
ATOM   261 C CD1  . PHE A 1 2 ? 0.515  1.919  -3.816  1.00 0.00 ? 2 PHE A CD1  3 
ATOM   262 C CD2  . PHE A 1 2 ? 0.008  3.693  -5.367  1.00 0.00 ? 2 PHE A CD2  3 
ATOM   263 C CE1  . PHE A 1 2 ? 0.518  2.833  -2.770  1.00 0.00 ? 2 PHE A CE1  3 
ATOM   264 C CE2  . PHE A 1 2 ? 0.019  4.609  -4.320  1.00 0.00 ? 2 PHE A CE2  3 
ATOM   265 C CZ   . PHE A 1 2 ? 0.261  4.178  -3.016  1.00 0.00 ? 2 PHE A CZ   3 
ATOM   266 H H    . PHE A 1 2 ? -2.425 2.050  -5.771  1.00 0.00 ? 2 PHE A H    3 
ATOM   267 H HA   . PHE A 1 2 ? -1.066 0.079  -7.452  1.00 0.00 ? 2 PHE A HA   3 
ATOM   268 H HB2  . PHE A 1 2 ? 1.081  0.691  -6.271  1.00 0.00 ? 2 PHE A HB2  3 
ATOM   269 H HB3  . PHE A 1 2 ? 0.271  1.868  -7.238  1.00 0.00 ? 2 PHE A HB3  3 
ATOM   270 H HD1  . PHE A 1 2 ? 0.754  0.885  -3.610  1.00 0.00 ? 2 PHE A HD1  3 
ATOM   271 H HD2  . PHE A 1 2 ? -0.181 4.044  -6.374  1.00 0.00 ? 2 PHE A HD2  3 
ATOM   272 H HE1  . PHE A 1 2 ? 0.753  2.487  -1.775  1.00 0.00 ? 2 PHE A HE1  3 
ATOM   273 H HE2  . PHE A 1 2 ? -0.151 5.658  -4.519  1.00 0.00 ? 2 PHE A HE2  3 
ATOM   274 H HZ   . PHE A 1 2 ? 0.258  4.890  -2.204  1.00 0.00 ? 2 PHE A HZ   3 
ATOM   275 N N    . GLU A 1 3 ? -1.149 -0.843 -4.227  1.00 0.00 ? 3 GLU A N    3 
ATOM   276 C CA   . GLU A 1 3 ? -1.047 -1.991 -3.283  1.00 0.00 ? 3 GLU A CA   3 
ATOM   277 C C    . GLU A 1 3 ? 0.359  -2.657 -3.181  1.00 0.00 ? 3 GLU A C    3 
ATOM   278 O O    . GLU A 1 3 ? 0.530  -3.867 -3.359  1.00 0.00 ? 3 GLU A O    3 
ATOM   279 C CB   . GLU A 1 3 ? -2.245 -2.988 -3.367  1.00 0.00 ? 3 GLU A CB   3 
ATOM   280 C CG   . GLU A 1 3 ? -3.677 -2.404 -3.528  1.00 0.00 ? 3 GLU A CG   3 
ATOM   281 C CD   . GLU A 1 3 ? -4.248 -1.566 -2.362  1.00 0.00 ? 3 GLU A CD   3 
ATOM   282 O OE2  . GLU A 1 3 ? -5.247 -1.963 -1.759  1.00 0.00 ? 3 GLU A OE2  3 
ATOM   283 H H    . GLU A 1 3 ? -1.421 0.080  -3.871  1.00 0.00 ? 3 GLU A H    3 
ATOM   284 H HA   . GLU A 1 3 ? -1.175 -1.510 -2.293  1.00 0.00 ? 3 GLU A HA   3 
ATOM   285 H HB2  . GLU A 1 3 ? -2.063 -3.680 -4.210  1.00 0.00 ? 3 GLU A HB2  3 
ATOM   286 H HB3  . GLU A 1 3 ? -2.226 -3.624 -2.464  1.00 0.00 ? 3 GLU A HB3  3 
ATOM   287 H HG2  . GLU A 1 3 ? -3.735 -1.808 -4.458  1.00 0.00 ? 3 GLU A HG2  3 
ATOM   288 H HG3  . GLU A 1 3 ? -4.364 -3.248 -3.726  1.00 0.00 ? 3 GLU A HG3  3 
ATOM   289 N N    . LEU A 1 4 ? 1.363  -1.816 -2.875  1.00 0.00 ? 4 LEU A N    3 
ATOM   290 C CA   . LEU A 1 4 ? 2.786  -2.228 -2.672  1.00 0.00 ? 4 LEU A CA   3 
ATOM   291 C C    . LEU A 1 4 ? 3.064  -2.954 -1.302  1.00 0.00 ? 4 LEU A C    3 
ATOM   292 O O    . LEU A 1 4 ? 3.861  -3.890 -1.220  1.00 0.00 ? 4 LEU A O    3 
ATOM   293 C CB   . LEU A 1 4 ? 3.675  -0.963 -2.928  1.00 0.00 ? 4 LEU A CB   3 
ATOM   294 C CG   . LEU A 1 4 ? 3.541  0.309  -2.020  1.00 0.00 ? 4 LEU A CG   3 
ATOM   295 C CD1  . LEU A 1 4 ? 4.421  0.281  -0.752  1.00 0.00 ? 4 LEU A CD1  3 
ATOM   296 C CD2  . LEU A 1 4 ? 3.878  1.600  -2.801  1.00 0.00 ? 4 LEU A CD2  3 
ATOM   297 H H    . LEU A 1 4 ? 1.079  -0.835 -2.774  1.00 0.00 ? 4 LEU A H    3 
ATOM   298 H HA   . LEU A 1 4 ? 3.046  -2.953 -3.469  1.00 0.00 ? 4 LEU A HA   3 
ATOM   299 H HB2  . LEU A 1 4 ? 4.739  -1.255 -2.966  1.00 0.00 ? 4 LEU A HB2  3 
ATOM   300 H HB3  . LEU A 1 4 ? 3.466  -0.653 -3.973  1.00 0.00 ? 4 LEU A HB3  3 
ATOM   301 H HG   . LEU A 1 4 ? 2.485  0.402  -1.696  1.00 0.00 ? 4 LEU A HG   3 
ATOM   302 H HD11 . LEU A 1 4 ? 4.214  1.153  -0.102  1.00 0.00 ? 4 LEU A HD11 3 
ATOM   303 H HD12 . LEU A 1 4 ? 4.243  -0.611 -0.130  1.00 0.00 ? 4 LEU A HD12 3 
ATOM   304 H HD13 . LEU A 1 4 ? 5.501  0.295  -0.992  1.00 0.00 ? 4 LEU A HD13 3 
ATOM   305 H HD21 . LEU A 1 4 ? 4.914  1.606  -3.188  1.00 0.00 ? 4 LEU A HD21 3 
ATOM   306 H HD22 . LEU A 1 4 ? 3.215  1.729  -3.675  1.00 0.00 ? 4 LEU A HD22 3 
ATOM   307 H HD23 . LEU A 1 4 ? 3.748  2.505  -2.176  1.00 0.00 ? 4 LEU A HD23 3 
ATOM   308 N N    . ASP A 1 5 ? 2.362  -2.472 -0.268  1.00 0.00 ? 5 ASP A N    3 
ATOM   309 C CA   . ASP A 1 5 ? 2.349  -2.873 1.161   1.00 0.00 ? 5 ASP A CA   3 
ATOM   310 C C    . ASP A 1 5 ? 1.759  -1.522 1.694   1.00 0.00 ? 5 ASP A C    3 
ATOM   311 O O    . ASP A 1 5 ? 2.510  -0.674 2.197   1.00 0.00 ? 5 ASP A O    3 
ATOM   312 C CB   . ASP A 1 5 ? 3.724  -3.292 1.767   1.00 0.00 ? 5 ASP A CB   3 
ATOM   313 C CG   . ASP A 1 5 ? 3.686  -3.631 3.263   1.00 0.00 ? 5 ASP A CG   3 
ATOM   314 O OD1  . ASP A 1 5 ? 3.303  -4.768 3.618   1.00 0.00 ? 5 ASP A OD1  3 
ATOM   315 O OD2  . ASP A 1 5 ? 4.040  -2.758 4.086   1.00 0.00 ? 5 ASP A OD2  3 
ATOM   316 H H    . ASP A 1 5 ? 1.702  -1.745 -0.562  1.00 0.00 ? 5 ASP A H    3 
ATOM   317 H HA   . ASP A 1 5 ? 1.623  -3.698 1.301   1.00 0.00 ? 5 ASP A HA   3 
ATOM   318 H HB2  . ASP A 1 5 ? 4.100  -4.186 1.238   1.00 0.00 ? 5 ASP A HB2  3 
ATOM   319 H HB3  . ASP A 1 5 ? 4.483  -2.505 1.584   1.00 0.00 ? 5 ASP A HB3  3 
ATOM   320 N N    . LYS A 1 6 ? 0.423  -1.316 1.579   1.00 0.00 ? 6 LYS A N    3 
ATOM   321 C CA   . LYS A 1 6 ? -0.208 -0.021 1.915   1.00 0.00 ? 6 LYS A CA   3 
ATOM   322 C C    . LYS A 1 6 ? -0.628 0.242  3.382   1.00 0.00 ? 6 LYS A C    3 
ATOM   323 O O    . LYS A 1 6 ? -1.487 -0.427 3.964   1.00 0.00 ? 6 LYS A O    3 
ATOM   324 C CB   . LYS A 1 6 ? -1.377 0.314  0.940   1.00 0.00 ? 6 LYS A CB   3 
ATOM   325 C CG   . LYS A 1 6 ? -2.561 -0.679 0.867   1.00 0.00 ? 6 LYS A CG   3 
ATOM   326 C CD   . LYS A 1 6 ? -3.916 -0.067 0.448   1.00 0.00 ? 6 LYS A CD   3 
ATOM   327 C CE   . LYS A 1 6 ? -4.027 0.501  -0.984  1.00 0.00 ? 6 LYS A CE   3 
ATOM   328 N NZ   . LYS A 1 6 ? -3.620 -0.410 -2.075  1.00 0.00 ? 6 LYS A NZ   3 
ATOM   329 H H    . LYS A 1 6 ? -0.103 -2.076 1.133   1.00 0.00 ? 6 LYS A H    3 
ATOM   330 H HA   . LYS A 1 6 ? 0.530  0.757  1.614   1.00 0.00 ? 6 LYS A HA   3 
ATOM   331 H HB2  . LYS A 1 6 ? -1.762 1.321  1.197   1.00 0.00 ? 6 LYS A HB2  3 
ATOM   332 H HB3  . LYS A 1 6 ? -0.975 0.446  -0.085  1.00 0.00 ? 6 LYS A HB3  3 
ATOM   333 H HG2  . LYS A 1 6 ? -2.297 -1.508 0.182   1.00 0.00 ? 6 LYS A HG2  3 
ATOM   334 H HG3  . LYS A 1 6 ? -2.713 -1.165 1.844   1.00 0.00 ? 6 LYS A HG3  3 
ATOM   335 H HD2  . LYS A 1 6 ? -4.696 -0.838 0.577   1.00 0.00 ? 6 LYS A HD2  3 
ATOM   336 H HD3  . LYS A 1 6 ? -4.187 0.730  1.163   1.00 0.00 ? 6 LYS A HD3  3 
ATOM   337 H HE2  . LYS A 1 6 ? -5.060 0.858  -1.166  1.00 0.00 ? 6 LYS A HE2  3 
ATOM   338 H HE3  . LYS A 1 6 ? -3.393 1.406  -1.057  1.00 0.00 ? 6 LYS A HE3  3 
ATOM   339 H HZ1  . LYS A 1 6 ? -2.704 -0.308 -2.528  1.00 0.00 ? 6 LYS A HZ1  3 
ATOM   340 N N    . ASP A 1 7 ? 0.031  1.269  3.937   1.00 0.00 ? 7 ASP A N    3 
ATOM   341 C CA   . ASP A 1 7 ? -0.288 1.857  5.269   1.00 0.00 ? 7 ASP A CA   3 
ATOM   342 C C    . ASP A 1 7 ? -1.360 3.016  5.094   1.00 0.00 ? 7 ASP A C    3 
ATOM   343 O O    . ASP A 1 7 ? -2.129 3.295  6.014   1.00 0.00 ? 7 ASP A O    3 
ATOM   344 C CB   . ASP A 1 7 ? 1.039  2.365  5.891   1.00 0.00 ? 7 ASP A CB   3 
ATOM   345 C CG   . ASP A 1 7 ? 0.923  2.885  7.331   1.00 0.00 ? 7 ASP A CG   3 
ATOM   346 O OD1  . ASP A 1 7 ? 1.024  2.078  8.279   1.00 0.00 ? 7 ASP A OD1  3 
ATOM   347 O OD2  . ASP A 1 7 ? 0.723  4.109  7.515   1.00 0.00 ? 7 ASP A OD2  3 
ATOM   348 H H    . ASP A 1 7 ? 0.676  1.744  3.295   1.00 0.00 ? 7 ASP A H    3 
ATOM   349 H HA   . ASP A 1 7 ? -0.711 1.077  5.933   1.00 0.00 ? 7 ASP A HA   3 
ATOM   350 H HB2  . ASP A 1 7 ? 1.795  1.555  5.888   1.00 0.00 ? 7 ASP A HB2  3 
ATOM   351 H HB3  . ASP A 1 7 ? 1.476  3.163  5.255   1.00 0.00 ? 7 ASP A HB3  3 
ATOM   352 N N    . PHE A 1 8 ? -1.381 3.663  3.905   1.00 0.00 ? 8 PHE A N    3 
ATOM   353 C CA   . PHE A 1 8 ? -2.265 4.770  3.475   1.00 0.00 ? 8 PHE A CA   3 
ATOM   354 C C    . PHE A 1 8 ? -3.759 4.361  3.476   1.00 0.00 ? 8 PHE A C    3 
ATOM   355 O O    . PHE A 1 8 ? -4.558 5.020  4.173   1.00 0.00 ? 8 PHE A O    3 
ATOM   356 C CB   . PHE A 1 8 ? -1.836 5.255  2.037   1.00 0.00 ? 8 PHE A CB   3 
ATOM   357 C CG   . PHE A 1 8 ? -0.329 5.217  1.655   1.00 0.00 ? 8 PHE A CG   3 
ATOM   358 C CD1  . PHE A 1 8 ? 0.562  6.150  2.193   1.00 0.00 ? 8 PHE A CD1  3 
ATOM   359 C CD2  . PHE A 1 8 ? 0.176  4.130  0.926   1.00 0.00 ? 8 PHE A CD2  3 
ATOM   360 C CE1  . PHE A 1 8 ? 1.937  5.990  2.021   1.00 0.00 ? 8 PHE A CE1  3 
ATOM   361 C CE2  . PHE A 1 8 ? 1.550  3.970  0.760   1.00 0.00 ? 8 PHE A CE2  3 
ATOM   362 C CZ   . PHE A 1 8 ? 2.428  4.897  1.311   1.00 0.00 ? 8 PHE A CZ   3 
ATOM   363 O OXT  . PHE A 1 8 ? -4.120 3.340  2.839   1.00 0.00 ? 8 PHE A OXT  3 
ATOM   364 H H    . PHE A 1 8 ? -0.661 3.316  3.262   1.00 0.00 ? 8 PHE A H    3 
ATOM   365 H HA   . PHE A 1 8 ? -2.116 5.610  4.180   1.00 0.00 ? 8 PHE A HA   3 
ATOM   366 H HB2  . PHE A 1 8 ? -2.385 4.674  1.269   1.00 0.00 ? 8 PHE A HB2  3 
ATOM   367 H HB3  . PHE A 1 8 ? -2.216 6.283  1.889   1.00 0.00 ? 8 PHE A HB3  3 
ATOM   368 H HD1  . PHE A 1 8 ? 0.199  6.971  2.794   1.00 0.00 ? 8 PHE A HD1  3 
ATOM   369 H HD2  . PHE A 1 8 ? -0.485 3.372  0.530   1.00 0.00 ? 8 PHE A HD2  3 
ATOM   370 H HE1  . PHE A 1 8 ? 2.622  6.698  2.464   1.00 0.00 ? 8 PHE A HE1  3 
ATOM   371 H HE2  . PHE A 1 8 ? 1.936  3.112  0.227   1.00 0.00 ? 8 PHE A HE2  3 
ATOM   372 H HZ   . PHE A 1 8 ? 3.495  4.758  1.203   1.00 0.00 ? 8 PHE A HZ   3 
# 
